data_3SGR
#
_entry.id   3SGR
#
_cell.length_a   52.340
_cell.length_b   52.340
_cell.length_c   87.330
_cell.angle_alpha   90.000
_cell.angle_beta   90.000
_cell.angle_gamma   120.000
#
_symmetry.space_group_name_H-M   'P 61'
#
loop_
_entity.id
_entity.type
_entity.pdbx_description
1 polymer 'Tandem repeat of amyloid-related segment of alphaB-crystallin residues 90-100 mutant V91L'
2 non-polymer (4S)-2-METHYL-2,4-PENTANEDIOL
3 water water
#
_entity_poly.entity_id   1
_entity_poly.type   'polypeptide(L)'
_entity_poly.pdbx_seq_one_letter_code
;GKLKVLGDVIEVGGKLKVLGDVIEV
;
_entity_poly.pdbx_strand_id   A,B,C,D,E,F
#
loop_
_chem_comp.id
_chem_comp.type
_chem_comp.name
_chem_comp.formula
MPD non-polymer (4S)-2-METHYL-2,4-PENTANEDIOL 'C6 H14 O2'
#
# COMPACT_ATOMS: atom_id res chain seq x y z
N GLY A 1 17.56 -7.31 -20.76
CA GLY A 1 17.38 -8.55 -20.01
C GLY A 1 17.68 -8.43 -18.53
N LYS A 2 17.50 -7.22 -17.95
CA LYS A 2 17.76 -6.95 -16.53
C LYS A 2 16.48 -6.75 -15.69
N LEU A 3 16.61 -6.97 -14.36
CA LEU A 3 15.53 -6.78 -13.43
C LEU A 3 15.45 -5.31 -13.08
N LYS A 4 14.27 -4.73 -13.26
CA LYS A 4 14.04 -3.35 -12.94
C LYS A 4 12.86 -3.27 -11.98
N VAL A 5 12.70 -2.12 -11.34
CA VAL A 5 11.60 -1.85 -10.43
C VAL A 5 10.85 -0.63 -10.88
N LEU A 6 9.53 -0.76 -11.02
CA LEU A 6 8.67 0.33 -11.42
C LEU A 6 7.74 0.57 -10.22
N GLY A 7 7.81 1.74 -9.63
CA GLY A 7 7.00 2.01 -8.46
C GLY A 7 6.57 3.43 -8.23
N ASP A 8 5.66 3.60 -7.25
CA ASP A 8 5.12 4.91 -6.86
C ASP A 8 5.53 5.28 -5.45
N VAL A 9 5.74 6.57 -5.21
CA VAL A 9 6.04 7.09 -3.88
C VAL A 9 4.71 7.35 -3.18
N ILE A 10 4.55 6.82 -1.97
CA ILE A 10 3.35 6.95 -1.18
C ILE A 10 3.69 7.43 0.24
N GLU A 11 2.81 8.24 0.86
CA GLU A 11 3.03 8.69 2.24
C GLU A 11 2.24 7.78 3.17
N VAL A 12 2.97 7.04 4.01
CA VAL A 12 2.39 6.11 4.99
C VAL A 12 2.91 6.52 6.37
N GLY A 13 2.00 6.87 7.26
CA GLY A 13 2.30 7.31 8.62
C GLY A 13 3.37 8.37 8.71
N GLY A 14 3.33 9.34 7.78
CA GLY A 14 4.27 10.45 7.73
C GLY A 14 5.60 10.15 7.02
N LYS A 15 5.85 8.87 6.71
CA LYS A 15 7.08 8.45 6.04
C LYS A 15 6.79 8.20 4.57
N LEU A 16 7.79 8.45 3.72
CA LEU A 16 7.68 8.21 2.29
C LEU A 16 8.12 6.79 2.00
N LYS A 17 7.21 6.01 1.43
CA LYS A 17 7.47 4.64 1.07
C LYS A 17 7.37 4.48 -0.44
N VAL A 18 7.93 3.39 -1.00
CA VAL A 18 7.81 3.07 -2.42
C VAL A 18 7.12 1.73 -2.52
N LEU A 19 6.08 1.66 -3.34
CA LEU A 19 5.33 0.44 -3.62
C LEU A 19 5.55 0.21 -5.11
N GLY A 20 6.21 -0.88 -5.41
CA GLY A 20 6.51 -1.22 -6.78
C GLY A 20 6.57 -2.69 -7.10
N ASP A 21 6.65 -2.98 -8.40
CA ASP A 21 6.73 -4.33 -8.96
C ASP A 21 8.06 -4.54 -9.64
N VAL A 22 8.57 -5.76 -9.58
CA VAL A 22 9.81 -6.12 -10.26
C VAL A 22 9.38 -6.51 -11.68
N ILE A 23 10.06 -5.96 -12.67
CA ILE A 23 9.79 -6.22 -14.07
C ILE A 23 11.12 -6.64 -14.73
N GLU A 24 11.03 -7.37 -15.84
CA GLU A 24 12.21 -7.77 -16.61
C GLU A 24 12.18 -6.95 -17.88
N VAL A 25 13.26 -6.18 -18.12
CA VAL A 25 13.40 -5.27 -19.28
C VAL A 25 14.71 -5.59 -20.02
N GLY B 1 -1.74 14.08 0.33
CA GLY B 1 -0.46 13.39 0.43
C GLY B 1 -0.55 12.03 1.10
N LYS B 2 -1.23 11.96 2.27
CA LYS B 2 -1.38 10.73 3.05
C LYS B 2 -2.36 9.77 2.40
N LEU B 3 -2.12 8.46 2.62
CA LEU B 3 -2.99 7.44 2.10
C LEU B 3 -4.10 7.16 3.10
N LYS B 4 -5.34 7.38 2.65
CA LYS B 4 -6.53 7.16 3.46
C LYS B 4 -7.39 6.11 2.77
N VAL B 5 -8.43 5.66 3.46
CA VAL B 5 -9.33 4.65 2.94
C VAL B 5 -10.76 5.12 2.99
N LEU B 6 -11.49 4.90 1.91
CA LEU B 6 -12.93 5.21 1.84
C LEU B 6 -13.57 3.89 1.44
N GLY B 7 -14.46 3.37 2.29
CA GLY B 7 -15.02 2.08 1.96
C GLY B 7 -16.46 1.87 2.36
N ASP B 8 -17.00 0.69 2.01
CA ASP B 8 -18.38 0.34 2.30
C ASP B 8 -18.39 -0.88 3.19
N VAL B 9 -19.34 -0.92 4.11
CA VAL B 9 -19.58 -2.09 4.93
C VAL B 9 -20.59 -2.93 4.15
N ILE B 10 -20.26 -4.20 3.95
CA ILE B 10 -21.13 -5.13 3.23
C ILE B 10 -21.35 -6.39 4.06
N GLU B 11 -22.56 -6.98 4.00
CA GLU B 11 -22.84 -8.22 4.70
C GLU B 11 -22.60 -9.38 3.75
N VAL B 12 -21.59 -10.21 4.07
CA VAL B 12 -21.17 -11.39 3.30
C VAL B 12 -21.24 -12.57 4.23
N GLY B 13 -22.08 -13.55 3.89
CA GLY B 13 -22.29 -14.76 4.66
C GLY B 13 -22.57 -14.53 6.13
N GLY B 14 -23.35 -13.47 6.42
CA GLY B 14 -23.72 -13.05 7.76
C GLY B 14 -22.70 -12.24 8.53
N LYS B 15 -21.48 -12.11 7.98
CA LYS B 15 -20.41 -11.33 8.59
C LYS B 15 -20.30 -9.98 7.90
N LEU B 16 -19.87 -8.97 8.65
CA LEU B 16 -19.69 -7.64 8.11
C LEU B 16 -18.29 -7.50 7.60
N LYS B 17 -18.18 -7.25 6.32
CA LYS B 17 -16.90 -7.09 5.64
C LYS B 17 -16.80 -5.67 5.12
N VAL B 18 -15.59 -5.31 4.71
CA VAL B 18 -15.31 -4.00 4.16
C VAL B 18 -14.63 -4.13 2.81
N LEU B 19 -15.08 -3.34 1.86
CA LEU B 19 -14.47 -3.20 0.55
C LEU B 19 -14.25 -1.70 0.38
N GLY B 20 -13.05 -1.31 0.06
CA GLY B 20 -12.73 0.09 -0.07
C GLY B 20 -11.60 0.36 -1.02
N ASP B 21 -11.35 1.64 -1.18
CA ASP B 21 -10.32 2.13 -2.07
C ASP B 21 -9.36 2.92 -1.26
N VAL B 22 -8.10 2.86 -1.64
CA VAL B 22 -7.09 3.70 -1.05
C VAL B 22 -7.15 5.02 -1.83
N ILE B 23 -7.18 6.14 -1.13
CA ILE B 23 -7.23 7.46 -1.73
C ILE B 23 -6.10 8.29 -1.14
N GLU B 24 -5.70 9.32 -1.85
CA GLU B 24 -4.66 10.25 -1.39
C GLU B 24 -5.35 11.55 -0.99
N VAL B 25 -5.17 11.96 0.28
CA VAL B 25 -5.79 13.15 0.89
C VAL B 25 -4.69 14.04 1.48
N LYS C 2 2.93 13.39 -9.94
CA LYS C 2 3.09 12.03 -9.42
C LYS C 2 4.57 11.56 -9.33
N LEU C 3 4.99 11.18 -8.10
CA LEU C 3 6.34 10.68 -7.82
C LEU C 3 6.45 9.19 -8.10
N LYS C 4 7.34 8.84 -9.02
CA LYS C 4 7.57 7.47 -9.44
C LYS C 4 9.04 7.11 -9.24
N VAL C 5 9.37 5.85 -9.44
CA VAL C 5 10.72 5.29 -9.31
C VAL C 5 10.90 4.30 -10.47
N LEU C 6 12.04 4.34 -11.16
CA LEU C 6 12.46 3.32 -12.14
C LEU C 6 13.88 2.94 -11.73
N GLY C 7 13.96 2.09 -10.73
CA GLY C 7 15.22 1.67 -10.15
C GLY C 7 15.67 0.32 -10.66
N ASP C 8 16.80 -0.12 -10.13
CA ASP C 8 17.42 -1.36 -10.52
C ASP C 8 17.34 -2.38 -9.41
N VAL C 9 17.12 -3.63 -9.78
CA VAL C 9 17.12 -4.74 -8.85
C VAL C 9 18.54 -5.29 -8.93
N ILE C 10 19.21 -5.46 -7.81
CA ILE C 10 20.57 -5.96 -7.80
C ILE C 10 20.73 -7.07 -6.74
N GLU C 11 21.48 -8.10 -7.08
CA GLU C 11 21.71 -9.21 -6.15
C GLU C 11 22.91 -8.88 -5.27
N VAL C 12 22.64 -8.62 -3.99
CA VAL C 12 23.59 -8.19 -2.97
C VAL C 12 23.60 -9.25 -1.87
N GLY C 13 24.60 -10.12 -1.89
CA GLY C 13 24.75 -11.22 -0.94
C GLY C 13 23.57 -12.17 -0.91
N GLY C 14 23.19 -12.67 -2.10
CA GLY C 14 22.10 -13.62 -2.32
C GLY C 14 20.69 -13.06 -2.27
N LYS C 15 20.54 -11.85 -1.74
CA LYS C 15 19.24 -11.19 -1.63
C LYS C 15 19.05 -10.16 -2.74
N LEU C 16 17.80 -9.98 -3.16
CA LEU C 16 17.47 -8.99 -4.16
C LEU C 16 17.15 -7.66 -3.47
N LYS C 17 17.92 -6.65 -3.80
CA LYS C 17 17.75 -5.30 -3.25
C LYS C 17 17.36 -4.34 -4.37
N VAL C 18 16.91 -3.13 -4.01
CA VAL C 18 16.53 -2.12 -4.98
C VAL C 18 17.22 -0.80 -4.70
N LEU C 19 17.72 -0.16 -5.76
CA LEU C 19 18.27 1.19 -5.69
C LEU C 19 17.67 1.95 -6.85
N GLY C 20 17.21 3.14 -6.58
CA GLY C 20 16.69 3.98 -7.64
C GLY C 20 16.56 5.43 -7.25
N ASP C 21 16.15 6.24 -8.22
CA ASP C 21 15.89 7.66 -8.03
C ASP C 21 14.42 7.92 -8.19
N VAL C 22 13.95 8.88 -7.41
CA VAL C 22 12.57 9.30 -7.46
C VAL C 22 12.48 10.30 -8.63
N ILE C 23 11.52 10.11 -9.53
CA ILE C 23 11.28 10.95 -10.69
C ILE C 23 9.84 11.46 -10.65
N GLU C 24 9.58 12.58 -11.33
CA GLU C 24 8.24 13.16 -11.41
C GLU C 24 7.70 12.87 -12.80
N VAL C 25 6.54 12.20 -12.87
CA VAL C 25 5.89 11.78 -14.12
C VAL C 25 4.45 12.33 -14.19
N GLY D 1 19.97 15.83 -0.43
CA GLY D 1 18.96 16.61 -1.14
C GLY D 1 18.06 15.79 -2.03
N LYS D 2 18.64 14.90 -2.86
CA LYS D 2 17.89 14.03 -3.76
C LYS D 2 17.12 12.94 -3.02
N LEU D 3 15.98 12.55 -3.57
CA LEU D 3 15.21 11.46 -3.02
C LEU D 3 15.68 10.17 -3.66
N LYS D 4 16.12 9.24 -2.83
CA LYS D 4 16.58 7.93 -3.29
C LYS D 4 15.69 6.82 -2.71
N VAL D 5 15.79 5.60 -3.25
CA VAL D 5 15.00 4.48 -2.79
C VAL D 5 15.89 3.30 -2.45
N LEU D 6 15.63 2.66 -1.31
CA LEU D 6 16.29 1.43 -0.88
C LEU D 6 15.17 0.48 -0.47
N GLY D 7 15.26 -0.77 -0.89
CA GLY D 7 14.23 -1.72 -0.52
C GLY D 7 14.60 -3.16 -0.73
N ASP D 8 13.79 -4.04 -0.14
CA ASP D 8 13.90 -5.48 -0.30
C ASP D 8 12.81 -5.93 -1.25
N VAL D 9 13.16 -6.93 -2.06
CA VAL D 9 12.24 -7.56 -2.98
C VAL D 9 11.54 -8.68 -2.19
N ILE D 10 10.21 -8.67 -2.22
CA ILE D 10 9.37 -9.64 -1.52
C ILE D 10 8.42 -10.36 -2.49
N GLU D 11 8.11 -11.64 -2.23
CA GLU D 11 7.17 -12.39 -3.07
C GLU D 11 5.78 -12.30 -2.45
N VAL D 12 4.86 -11.66 -3.18
CA VAL D 12 3.47 -11.45 -2.76
C VAL D 12 2.59 -12.05 -3.87
N GLY D 13 1.80 -13.05 -3.52
CA GLY D 13 0.90 -13.73 -4.45
C GLY D 13 1.55 -14.19 -5.75
N GLY D 14 2.80 -14.66 -5.63
CA GLY D 14 3.58 -15.16 -6.77
C GLY D 14 4.32 -14.09 -7.56
N LYS D 15 4.03 -12.82 -7.30
CA LYS D 15 4.67 -11.69 -7.97
C LYS D 15 5.74 -11.09 -7.08
N LEU D 16 6.79 -10.54 -7.69
CA LEU D 16 7.85 -9.89 -6.96
C LEU D 16 7.53 -8.42 -6.79
N LYS D 17 7.43 -7.98 -5.54
CA LYS D 17 7.10 -6.61 -5.17
C LYS D 17 8.23 -6.02 -4.35
N VAL D 18 8.12 -4.73 -4.03
CA VAL D 18 9.05 -3.95 -3.21
C VAL D 18 8.17 -3.00 -2.37
N LEU D 19 8.40 -2.92 -1.06
CA LEU D 19 7.79 -1.92 -0.17
C LEU D 19 9.03 -1.28 0.43
N GLY D 20 9.60 -0.33 -0.30
CA GLY D 20 10.86 0.28 0.07
C GLY D 20 10.72 1.62 0.73
N ASP D 21 11.85 2.13 1.19
CA ASP D 21 11.91 3.40 1.86
C ASP D 21 12.43 4.44 0.90
N VAL D 22 11.91 5.67 1.02
CA VAL D 22 12.35 6.85 0.29
C VAL D 22 13.24 7.60 1.31
N ILE D 23 14.46 7.88 0.94
CA ILE D 23 15.43 8.51 1.82
C ILE D 23 16.09 9.72 1.11
N GLU D 24 16.37 10.80 1.86
CA GLU D 24 17.00 12.01 1.33
C GLU D 24 18.52 11.89 1.51
N VAL D 25 19.25 11.92 0.37
CA VAL D 25 20.71 11.76 0.30
C VAL D 25 21.32 12.95 -0.43
N GLY E 1 6.23 -4.55 7.46
CA GLY E 1 6.57 -4.75 6.05
C GLY E 1 5.38 -4.85 5.10
N LYS E 2 4.14 -4.77 5.63
CA LYS E 2 2.94 -4.81 4.81
C LYS E 2 1.98 -3.67 5.14
N LEU E 3 1.12 -3.32 4.20
CA LEU E 3 0.17 -2.23 4.34
C LEU E 3 -1.16 -2.72 4.87
N LYS E 4 -1.56 -2.20 6.01
CA LYS E 4 -2.82 -2.56 6.66
C LYS E 4 -3.70 -1.33 6.81
N VAL E 5 -4.96 -1.54 7.22
CA VAL E 5 -5.93 -0.46 7.34
C VAL E 5 -6.59 -0.52 8.69
N LEU E 6 -6.68 0.63 9.34
CA LEU E 6 -7.33 0.76 10.63
C LEU E 6 -8.38 1.86 10.43
N GLY E 7 -9.65 1.55 10.62
CA GLY E 7 -10.66 2.56 10.40
C GLY E 7 -11.88 2.56 11.29
N ASP E 8 -12.77 3.51 11.04
CA ASP E 8 -14.02 3.64 11.77
C ASP E 8 -15.21 3.44 10.86
N VAL E 9 -16.27 2.81 11.38
CA VAL E 9 -17.53 2.65 10.67
C VAL E 9 -18.36 3.90 10.99
N ILE E 10 -18.91 4.52 9.94
CA ILE E 10 -19.71 5.74 10.03
C ILE E 10 -21.02 5.58 9.24
N GLU E 11 -22.08 6.23 9.68
CA GLU E 11 -23.36 6.20 8.98
C GLU E 11 -23.43 7.44 8.07
N VAL E 12 -23.51 7.20 6.77
CA VAL E 12 -23.59 8.24 5.74
C VAL E 12 -24.82 7.92 4.91
N GLY E 13 -25.77 8.85 4.88
CA GLY E 13 -27.00 8.71 4.10
C GLY E 13 -27.73 7.39 4.30
N GLY E 14 -27.75 6.93 5.56
CA GLY E 14 -28.40 5.69 5.97
C GLY E 14 -27.61 4.42 5.71
N LYS E 15 -26.46 4.52 5.04
CA LYS E 15 -25.60 3.38 4.72
C LYS E 15 -24.39 3.41 5.64
N LEU E 16 -23.83 2.25 5.92
CA LEU E 16 -22.63 2.14 6.75
C LEU E 16 -21.41 2.21 5.86
N LYS E 17 -20.56 3.20 6.10
CA LYS E 17 -19.33 3.44 5.34
C LYS E 17 -18.14 3.34 6.26
N VAL E 18 -16.93 3.38 5.67
CA VAL E 18 -15.70 3.27 6.40
C VAL E 18 -14.75 4.39 5.99
N LEU E 19 -14.11 5.01 7.00
CA LEU E 19 -13.06 6.01 6.79
C LEU E 19 -11.88 5.52 7.64
N GLY E 20 -10.72 5.37 7.03
CA GLY E 20 -9.57 4.83 7.73
C GLY E 20 -8.24 5.31 7.22
N ASP E 21 -7.19 4.88 7.91
CA ASP E 21 -5.82 5.22 7.56
C ASP E 21 -5.07 3.98 7.15
N VAL E 22 -4.15 4.14 6.22
CA VAL E 22 -3.26 3.07 5.82
C VAL E 22 -2.09 3.12 6.80
N ILE E 23 -1.73 1.98 7.35
CA ILE E 23 -0.61 1.88 8.30
C ILE E 23 0.35 0.79 7.79
N GLU E 24 1.60 0.86 8.20
CA GLU E 24 2.61 -0.13 7.89
C GLU E 24 2.81 -1.01 9.15
N VAL E 25 2.60 -2.32 8.98
CA VAL E 25 2.69 -3.34 10.03
C VAL E 25 3.69 -4.44 9.62
N GLY F 1 -17.08 -2.12 22.26
CA GLY F 1 -18.44 -1.70 21.95
C GLY F 1 -18.61 -1.07 20.58
N LYS F 2 -17.70 -0.15 20.22
CA LYS F 2 -17.68 0.59 18.94
C LYS F 2 -17.24 -0.32 17.80
N LEU F 3 -17.80 -0.09 16.62
CA LEU F 3 -17.46 -0.83 15.43
C LEU F 3 -16.26 -0.21 14.75
N LYS F 4 -15.19 -0.98 14.61
CA LYS F 4 -13.96 -0.53 13.96
C LYS F 4 -13.66 -1.46 12.79
N VAL F 5 -12.67 -1.09 11.99
CA VAL F 5 -12.28 -1.87 10.83
C VAL F 5 -10.80 -2.22 10.88
N LEU F 6 -10.49 -3.47 10.56
CA LEU F 6 -9.11 -3.94 10.45
C LEU F 6 -9.02 -4.56 9.06
N GLY F 7 -8.15 -4.02 8.23
CA GLY F 7 -8.08 -4.50 6.85
C GLY F 7 -6.71 -4.58 6.28
N ASP F 8 -6.63 -5.10 5.04
CA ASP F 8 -5.40 -5.21 4.30
C ASP F 8 -5.51 -4.38 3.05
N VAL F 9 -4.40 -3.76 2.66
CA VAL F 9 -4.30 -3.05 1.39
C VAL F 9 -3.81 -4.08 0.37
N ILE F 10 -4.54 -4.24 -0.73
CA ILE F 10 -4.21 -5.21 -1.77
C ILE F 10 -4.15 -4.50 -3.13
N GLU F 11 -3.24 -4.92 -4.01
CA GLU F 11 -3.15 -4.35 -5.36
C GLU F 11 -3.98 -5.22 -6.31
N VAL F 12 -5.06 -4.64 -6.85
CA VAL F 12 -5.99 -5.28 -7.78
C VAL F 12 -6.02 -4.42 -9.04
N GLY F 13 -5.64 -5.01 -10.17
CA GLY F 13 -5.61 -4.34 -11.47
C GLY F 13 -4.89 -3.00 -11.45
N GLY F 14 -3.79 -2.95 -10.69
CA GLY F 14 -2.94 -1.76 -10.55
C GLY F 14 -3.42 -0.72 -9.56
N LYS F 15 -4.64 -0.89 -9.03
CA LYS F 15 -5.21 0.01 -8.06
C LYS F 15 -5.12 -0.60 -6.67
N LEU F 16 -5.00 0.26 -5.66
CA LEU F 16 -4.92 -0.19 -4.28
C LEU F 16 -6.32 -0.25 -3.71
N LYS F 17 -6.71 -1.47 -3.31
CA LYS F 17 -8.01 -1.73 -2.76
C LYS F 17 -7.85 -2.17 -1.32
N VAL F 18 -8.97 -2.24 -0.61
CA VAL F 18 -9.00 -2.64 0.78
C VAL F 18 -10.01 -3.72 1.00
N LEU F 19 -9.62 -4.77 1.70
CA LEU F 19 -10.50 -5.82 2.15
C LEU F 19 -10.30 -5.93 3.65
N GLY F 20 -11.38 -5.82 4.38
CA GLY F 20 -11.28 -5.86 5.82
C GLY F 20 -12.50 -6.44 6.50
N ASP F 21 -12.42 -6.48 7.80
CA ASP F 21 -13.50 -7.00 8.61
C ASP F 21 -13.91 -5.93 9.56
N VAL F 22 -15.20 -5.92 9.88
CA VAL F 22 -15.70 -5.03 10.93
C VAL F 22 -15.48 -5.80 12.24
N ILE F 23 -14.91 -5.14 13.25
CA ILE F 23 -14.63 -5.70 14.56
C ILE F 23 -15.26 -4.82 15.62
N GLU F 24 -15.52 -5.40 16.79
CA GLU F 24 -16.04 -4.65 17.92
C GLU F 24 -14.90 -4.44 18.92
N VAL F 25 -14.59 -3.18 19.23
CA VAL F 25 -13.54 -2.78 20.16
C VAL F 25 -14.02 -1.60 20.98
C1 MPD G . 2.31 -6.72 0.31
C2 MPD G . 2.12 -5.20 0.34
O2 MPD G . 0.96 -4.90 1.15
CM MPD G . 3.34 -4.55 0.97
C3 MPD G . 2.03 -4.65 -1.09
C4 MPD G . 0.69 -4.58 -1.81
O4 MPD G . 0.02 -5.82 -1.87
C5 MPD G . -0.21 -3.42 -1.38
C1 MPD H . -27.22 -0.48 3.81
C2 MPD H . -26.45 -0.93 5.04
O2 MPD H . -25.07 -0.48 4.95
CM MPD H . -27.09 -0.30 6.27
C3 MPD H . -26.56 -2.45 5.18
C4 MPD H . -25.27 -3.24 4.93
O4 MPD H . -24.39 -3.05 6.02
C5 MPD H . -25.60 -4.71 4.76
#